data_4NN0
#
_entry.id   4NN0
#
_cell.length_a   50.603
_cell.length_b   50.603
_cell.length_c   268.531
_cell.angle_alpha   90.00
_cell.angle_beta   90.00
_cell.angle_gamma   120.00
#
_symmetry.space_group_name_H-M   'P 63'
#
loop_
_entity.id
_entity.type
_entity.pdbx_description
1 polymer 'Complement C1q tumor necrosis factor-related protein 5'
2 non-polymer 1,2-ETHANEDIOL
3 non-polymer 'SULFATE ION'
4 non-polymer 'ACETATE ION'
5 water water
#
_entity_poly.entity_id   1
_entity_poly.type   'polypeptide(L)'
_entity_poly.pdbx_seq_one_letter_code
;ARSAFSAKRSESRVPPPSDAPLPFDRVLVNEQGHYDAVTGKFTCQVPGVYYFAVHATVYRASLQFDLVKNGESIASFFQF
FGGWPKPASLSGGAMVRLEPEDQVWVQVGVGDYIGIYASIKTDSTFSGFLVYSDWHSSPVFAHHHHHH
;
_entity_poly.pdbx_strand_id   A,B,C
#
loop_
_chem_comp.id
_chem_comp.type
_chem_comp.name
_chem_comp.formula
ACT non-polymer 'ACETATE ION' 'C2 H3 O2 -1'
EDO non-polymer 1,2-ETHANEDIOL 'C2 H6 O2'
SO4 non-polymer 'SULFATE ION' 'O4 S -2'
#
# COMPACT_ATOMS: atom_id res chain seq x y z
N ALA A 1 41.60 0.94 -48.29
CA ALA A 1 40.57 1.93 -47.88
C ALA A 1 40.48 1.99 -46.37
N ARG A 2 39.94 3.10 -45.87
CA ARG A 2 39.82 3.34 -44.45
C ARG A 2 38.48 3.95 -44.11
N SER A 3 37.88 3.45 -43.05
CA SER A 3 36.70 4.07 -42.48
C SER A 3 36.50 3.57 -41.06
N ALA A 4 36.49 4.49 -40.11
CA ALA A 4 36.29 4.11 -38.71
C ALA A 4 35.76 5.26 -37.91
N PHE A 5 35.00 4.96 -36.87
CA PHE A 5 34.60 5.99 -35.94
C PHE A 5 34.32 5.39 -34.58
N SER A 6 34.30 6.23 -33.55
CA SER A 6 33.79 5.86 -32.26
C SER A 6 33.35 7.14 -31.54
N ALA A 7 32.22 7.08 -30.83
CA ALA A 7 31.64 8.22 -30.13
C ALA A 7 30.91 7.78 -28.89
N LYS A 8 30.71 8.70 -27.97
CA LYS A 8 30.08 8.45 -26.69
C LYS A 8 28.90 9.38 -26.46
N ARG A 9 27.98 8.90 -25.65
CA ARG A 9 26.80 9.65 -25.25
C ARG A 9 27.13 10.75 -24.24
N SER A 10 26.52 11.94 -24.39
CA SER A 10 26.58 12.96 -23.38
C SER A 10 25.63 12.71 -22.23
N GLU A 11 26.01 13.15 -21.03
CA GLU A 11 25.12 13.18 -19.89
C GLU A 11 23.92 14.10 -20.18
N SER A 12 22.75 13.69 -19.67
CA SER A 12 21.52 14.46 -19.85
C SER A 12 20.49 14.01 -18.83
N ARG A 13 19.71 14.96 -18.33
CA ARG A 13 18.58 14.62 -17.49
C ARG A 13 17.32 14.29 -18.31
N VAL A 14 17.36 14.43 -19.63
CA VAL A 14 16.17 14.28 -20.45
C VAL A 14 16.01 12.77 -20.71
N PRO A 15 14.84 12.18 -20.43
CA PRO A 15 14.61 10.79 -20.85
C PRO A 15 14.85 10.63 -22.36
N PRO A 16 15.57 9.58 -22.78
CA PRO A 16 15.94 9.52 -24.18
C PRO A 16 14.73 9.35 -25.09
N PRO A 17 14.61 10.19 -26.14
CA PRO A 17 13.53 9.92 -27.10
C PRO A 17 13.72 8.62 -27.86
N SER A 18 12.61 8.06 -28.29
CA SER A 18 12.59 6.80 -29.01
C SER A 18 12.00 6.95 -30.39
N ASP A 19 12.00 8.16 -30.94
CA ASP A 19 11.49 8.45 -32.30
C ASP A 19 12.56 9.06 -33.21
N ALA A 20 13.81 8.87 -32.86
CA ALA A 20 14.96 9.39 -33.61
C ALA A 20 16.20 8.56 -33.24
N PRO A 21 17.27 8.67 -34.01
CA PRO A 21 18.50 7.97 -33.61
C PRO A 21 18.99 8.41 -32.25
N LEU A 22 19.57 7.47 -31.53
CA LEU A 22 20.21 7.77 -30.27
C LEU A 22 21.46 8.58 -30.56
N PRO A 23 21.67 9.65 -29.78
CA PRO A 23 22.81 10.51 -30.02
C PRO A 23 24.07 10.04 -29.35
N PHE A 24 25.19 10.13 -30.05
CA PHE A 24 26.52 9.91 -29.46
C PHE A 24 27.38 11.06 -29.95
N ASP A 25 27.36 12.15 -29.20
CA ASP A 25 27.90 13.43 -29.69
C ASP A 25 29.30 13.79 -29.21
N ARG A 26 29.90 12.93 -28.39
CA ARG A 26 31.26 13.13 -27.92
C ARG A 26 32.19 12.22 -28.73
N VAL A 27 32.80 12.75 -29.74
CA VAL A 27 33.57 11.96 -30.69
C VAL A 27 34.94 11.58 -30.15
N LEU A 28 35.28 10.28 -30.22
CA LEU A 28 36.59 9.78 -29.84
C LEU A 28 37.50 9.80 -31.06
N VAL A 29 37.02 9.27 -32.19
CA VAL A 29 37.78 9.29 -33.42
C VAL A 29 36.88 9.20 -34.65
N ASN A 30 37.12 10.04 -35.64
CA ASN A 30 36.25 10.10 -36.83
C ASN A 30 37.03 10.75 -37.98
N GLU A 31 38.14 10.13 -38.38
CA GLU A 31 39.07 10.81 -39.25
C GLU A 31 38.63 11.03 -40.68
N GLN A 32 37.65 10.26 -41.13
CA GLN A 32 37.07 10.42 -42.46
C GLN A 32 35.84 11.30 -42.47
N GLY A 33 35.33 11.64 -41.29
CA GLY A 33 34.04 12.30 -41.17
C GLY A 33 32.85 11.49 -41.60
N HIS A 34 33.00 10.16 -41.63
CA HIS A 34 31.90 9.31 -42.07
C HIS A 34 30.79 9.22 -41.03
N TYR A 35 31.12 9.44 -39.76
CA TYR A 35 30.11 9.56 -38.71
C TYR A 35 29.73 11.02 -38.55
N ASP A 36 28.47 11.27 -38.31
CA ASP A 36 27.96 12.61 -38.07
C ASP A 36 27.47 12.73 -36.62
N ALA A 37 28.22 13.46 -35.79
CA ALA A 37 27.92 13.59 -34.39
C ALA A 37 26.64 14.37 -34.13
N VAL A 38 26.15 15.11 -35.12
CA VAL A 38 24.88 15.86 -34.98
C VAL A 38 23.69 14.95 -35.20
N THR A 39 23.78 14.04 -36.16
CA THR A 39 22.64 13.19 -36.49
C THR A 39 22.71 11.80 -35.82
N GLY A 40 23.90 11.38 -35.37
CA GLY A 40 24.04 10.04 -34.82
C GLY A 40 24.21 8.95 -35.85
N LYS A 41 24.31 9.32 -37.13
CA LYS A 41 24.40 8.36 -38.21
C LYS A 41 25.79 8.25 -38.83
N PHE A 42 26.17 7.01 -39.11
CA PHE A 42 27.29 6.72 -39.96
C PHE A 42 26.79 6.63 -41.41
N THR A 43 27.47 7.30 -42.34
CA THR A 43 27.14 7.19 -43.76
C THR A 43 28.33 6.61 -44.52
N CYS A 44 28.09 5.48 -45.15
CA CYS A 44 29.10 4.75 -45.90
C CYS A 44 29.59 5.53 -47.14
N GLN A 45 30.89 5.55 -47.36
CA GLN A 45 31.48 6.04 -48.60
C GLN A 45 32.36 5.02 -49.28
N VAL A 46 32.59 3.87 -48.64
CA VAL A 46 33.40 2.83 -49.19
C VAL A 46 32.58 1.52 -49.15
N PRO A 47 32.28 0.94 -50.32
CA PRO A 47 31.58 -0.35 -50.28
C PRO A 47 32.43 -1.42 -49.58
N GLY A 48 31.79 -2.25 -48.77
CA GLY A 48 32.52 -3.29 -48.08
C GLY A 48 31.80 -3.82 -46.87
N VAL A 49 32.51 -4.58 -46.05
CA VAL A 49 31.93 -5.20 -44.89
C VAL A 49 32.49 -4.52 -43.65
N TYR A 50 31.58 -4.18 -42.74
CA TYR A 50 31.82 -3.39 -41.57
C TYR A 50 31.43 -4.16 -40.31
N TYR A 51 32.10 -3.86 -39.20
CA TYR A 51 31.67 -4.28 -37.87
C TYR A 51 31.19 -3.05 -37.10
N PHE A 52 30.05 -3.18 -36.41
CA PHE A 52 29.53 -2.15 -35.53
C PHE A 52 29.34 -2.72 -34.15
N ALA A 53 29.63 -1.91 -33.13
CA ALA A 53 29.43 -2.30 -31.75
C ALA A 53 28.90 -1.19 -30.90
N VAL A 54 27.95 -1.50 -30.05
CA VAL A 54 27.43 -0.58 -29.05
C VAL A 54 27.71 -1.17 -27.68
N HIS A 55 28.28 -0.37 -26.77
CA HIS A 55 28.53 -0.79 -25.40
C HIS A 55 27.83 0.20 -24.50
N ALA A 56 26.68 -0.13 -23.97
CA ALA A 56 25.81 0.84 -23.31
C ALA A 56 25.72 0.59 -21.80
N THR A 57 25.57 1.66 -21.04
CA THR A 57 25.16 1.66 -19.68
C THR A 57 23.63 1.79 -19.63
N VAL A 58 22.98 1.04 -18.75
CA VAL A 58 21.52 0.94 -18.65
C VAL A 58 21.10 1.44 -17.29
N TYR A 59 20.20 2.41 -17.20
CA TYR A 59 19.77 2.93 -15.93
C TYR A 59 18.39 3.60 -16.03
N ARG A 60 17.59 3.43 -15.00
CA ARG A 60 16.28 4.00 -14.79
C ARG A 60 15.12 3.40 -15.58
N ALA A 61 15.43 2.59 -16.58
CA ALA A 61 14.45 1.88 -17.39
C ALA A 61 15.24 0.78 -18.10
N SER A 62 14.56 -0.28 -18.53
CA SER A 62 15.21 -1.20 -19.41
C SER A 62 15.63 -0.55 -20.71
N LEU A 63 16.60 -1.13 -21.42
CA LEU A 63 17.07 -0.62 -22.68
C LEU A 63 16.87 -1.66 -23.76
N GLN A 64 16.20 -1.25 -24.84
CA GLN A 64 16.09 -1.99 -26.06
C GLN A 64 16.65 -1.13 -27.17
N PHE A 65 17.62 -1.60 -27.94
CA PHE A 65 18.03 -0.89 -29.11
C PHE A 65 18.23 -1.80 -30.30
N ASP A 66 18.02 -1.20 -31.47
CA ASP A 66 18.29 -1.80 -32.75
C ASP A 66 19.50 -1.12 -33.39
N LEU A 67 20.38 -1.92 -33.96
N LEU A 67 20.43 -1.91 -33.92
CA LEU A 67 21.37 -1.45 -34.88
CA LEU A 67 21.40 -1.43 -34.91
C LEU A 67 20.70 -1.49 -36.25
C LEU A 67 20.66 -1.48 -36.22
N VAL A 68 20.59 -0.34 -36.90
CA VAL A 68 19.80 -0.27 -38.11
C VAL A 68 20.61 0.16 -39.32
N LYS A 69 20.23 -0.39 -40.47
CA LYS A 69 20.79 -0.01 -41.76
C LYS A 69 19.63 0.59 -42.57
N ASN A 70 19.71 1.88 -42.83
CA ASN A 70 18.65 2.61 -43.58
C ASN A 70 17.27 2.47 -42.95
N GLY A 71 17.20 2.21 -41.66
CA GLY A 71 15.91 2.06 -40.97
C GLY A 71 15.53 0.61 -40.66
N GLU A 72 16.19 -0.32 -41.31
CA GLU A 72 15.91 -1.73 -41.09
C GLU A 72 16.77 -2.27 -39.96
N SER A 73 16.21 -2.99 -39.01
CA SER A 73 17.02 -3.67 -37.97
C SER A 73 17.94 -4.74 -38.52
N ILE A 74 19.22 -4.52 -38.29
CA ILE A 74 20.28 -5.54 -38.53
C ILE A 74 20.21 -6.54 -37.36
N ALA A 75 20.14 -6.01 -36.14
CA ALA A 75 20.14 -6.82 -34.94
C ALA A 75 19.60 -5.98 -33.79
N SER A 76 18.93 -6.65 -32.87
CA SER A 76 18.23 -6.01 -31.76
C SER A 76 18.73 -6.55 -30.43
N PHE A 77 18.80 -5.70 -29.41
CA PHE A 77 19.34 -6.09 -28.14
C PHE A 77 18.50 -5.53 -27.00
N PHE A 78 18.57 -6.16 -25.84
CA PHE A 78 17.76 -5.81 -24.70
C PHE A 78 18.42 -6.17 -23.39
N GLN A 79 18.28 -5.29 -22.39
CA GLN A 79 18.65 -5.60 -21.04
C GLN A 79 17.59 -5.12 -20.07
N PHE A 80 17.08 -6.02 -19.24
CA PHE A 80 16.15 -5.76 -18.16
C PHE A 80 16.77 -4.85 -17.12
N PHE A 81 16.05 -3.83 -16.66
CA PHE A 81 16.50 -3.00 -15.56
C PHE A 81 15.54 -3.19 -14.38
N GLY A 82 15.90 -4.07 -13.45
CA GLY A 82 15.02 -4.53 -12.43
C GLY A 82 14.94 -3.69 -11.18
N GLY A 83 14.82 -2.36 -11.30
CA GLY A 83 14.60 -1.57 -10.11
C GLY A 83 15.82 -1.48 -9.22
N TRP A 84 17.01 -1.50 -9.82
CA TRP A 84 18.29 -1.46 -9.09
C TRP A 84 18.73 -0.01 -8.81
N PRO A 85 19.59 0.19 -7.79
CA PRO A 85 19.97 1.56 -7.43
C PRO A 85 21.08 2.13 -8.30
N LYS A 86 21.72 1.31 -9.13
CA LYS A 86 22.85 1.71 -9.93
C LYS A 86 22.78 1.02 -11.28
N PRO A 87 23.57 1.44 -12.26
CA PRO A 87 23.35 0.95 -13.63
C PRO A 87 23.71 -0.49 -13.88
N ALA A 88 23.04 -1.07 -14.87
CA ALA A 88 23.42 -2.28 -15.55
C ALA A 88 24.08 -1.97 -16.89
N SER A 89 24.22 -2.96 -17.77
CA SER A 89 24.98 -2.81 -18.99
C SER A 89 24.40 -3.66 -20.09
N LEU A 90 24.68 -3.28 -21.33
CA LEU A 90 24.19 -3.97 -22.49
C LEU A 90 25.10 -3.71 -23.67
N SER A 91 25.65 -4.75 -24.29
CA SER A 91 26.38 -4.61 -25.53
C SER A 91 25.71 -5.31 -26.68
N GLY A 92 25.92 -4.81 -27.88
CA GLY A 92 25.42 -5.46 -29.08
C GLY A 92 26.35 -5.19 -30.21
N GLY A 93 26.38 -6.03 -31.22
CA GLY A 93 27.24 -5.86 -32.33
C GLY A 93 26.85 -6.81 -33.46
N ALA A 94 27.33 -6.51 -34.64
CA ALA A 94 27.02 -7.32 -35.84
C ALA A 94 27.90 -6.82 -36.98
N MET A 95 27.99 -7.59 -38.05
CA MET A 95 28.59 -7.15 -39.28
C MET A 95 27.52 -6.99 -40.35
N VAL A 96 27.82 -6.17 -41.34
CA VAL A 96 26.92 -5.89 -42.44
C VAL A 96 27.73 -5.44 -43.65
N ARG A 97 27.21 -5.77 -44.83
CA ARG A 97 27.71 -5.15 -46.07
C ARG A 97 27.01 -3.82 -46.29
N LEU A 98 27.79 -2.81 -46.62
CA LEU A 98 27.29 -1.49 -46.96
C LEU A 98 27.78 -1.07 -48.33
N GLU A 99 26.99 -0.22 -48.96
CA GLU A 99 27.35 0.49 -50.19
C GLU A 99 27.32 1.98 -49.92
N PRO A 100 27.98 2.77 -50.76
CA PRO A 100 27.98 4.21 -50.55
C PRO A 100 26.57 4.78 -50.42
N GLU A 101 26.43 5.68 -49.45
CA GLU A 101 25.21 6.35 -49.06
C GLU A 101 24.33 5.56 -48.11
N ASP A 102 24.62 4.28 -47.91
CA ASP A 102 23.91 3.55 -46.86
C ASP A 102 24.25 4.18 -45.51
N GLN A 103 23.31 4.15 -44.58
CA GLN A 103 23.47 4.72 -43.25
C GLN A 103 23.21 3.70 -42.18
N VAL A 104 23.96 3.80 -41.09
CA VAL A 104 23.82 2.91 -39.95
C VAL A 104 23.76 3.77 -38.68
N TRP A 105 22.83 3.44 -37.80
CA TRP A 105 22.70 4.15 -36.56
C TRP A 105 22.08 3.24 -35.51
N VAL A 106 21.93 3.75 -34.31
CA VAL A 106 21.33 3.04 -33.21
C VAL A 106 20.02 3.72 -32.83
N GLN A 107 18.98 2.95 -32.58
N GLN A 107 18.98 2.95 -32.58
CA GLN A 107 17.69 3.54 -32.20
CA GLN A 107 17.76 3.57 -32.11
C GLN A 107 16.91 2.65 -31.25
C GLN A 107 16.97 2.65 -31.19
N VAL A 108 16.21 3.24 -30.29
CA VAL A 108 15.33 2.48 -29.43
C VAL A 108 14.19 1.92 -30.29
N GLY A 109 13.95 0.62 -30.23
CA GLY A 109 12.91 -0.02 -31.07
C GLY A 109 11.56 -0.26 -30.42
N VAL A 110 11.53 -0.24 -29.11
CA VAL A 110 10.32 -0.41 -28.31
C VAL A 110 10.32 0.80 -27.41
N GLY A 111 9.34 1.70 -27.60
CA GLY A 111 9.54 3.08 -27.25
C GLY A 111 9.60 3.52 -25.82
N ASP A 112 9.37 2.62 -24.86
CA ASP A 112 9.56 2.91 -23.45
C ASP A 112 10.84 2.29 -22.88
N TYR A 113 11.58 1.55 -23.67
CA TYR A 113 12.80 0.88 -23.18
C TYR A 113 13.97 1.78 -23.51
N ILE A 114 13.97 2.93 -22.83
CA ILE A 114 14.80 4.05 -23.18
C ILE A 114 15.97 4.28 -22.20
N GLY A 115 16.35 3.26 -21.45
CA GLY A 115 17.33 3.39 -20.39
C GLY A 115 18.80 3.52 -20.71
N ILE A 116 19.17 4.05 -21.85
CA ILE A 116 20.58 4.28 -22.14
C ILE A 116 21.08 5.45 -21.30
N TYR A 117 22.33 5.39 -20.86
CA TYR A 117 22.78 6.30 -19.79
C TYR A 117 24.24 6.65 -19.94
N ALA A 118 24.63 7.79 -19.35
CA ALA A 118 26.01 8.19 -19.18
C ALA A 118 26.08 9.06 -17.94
N SER A 119 27.23 9.01 -17.28
CA SER A 119 27.46 9.76 -16.06
C SER A 119 28.95 9.99 -15.89
N ILE A 120 29.36 10.50 -14.75
N ILE A 120 29.35 10.51 -14.75
CA ILE A 120 30.77 10.87 -14.63
CA ILE A 120 30.77 10.85 -14.56
C ILE A 120 31.71 9.67 -14.83
C ILE A 120 31.71 9.67 -14.80
N LYS A 121 31.29 8.48 -14.37
CA LYS A 121 32.10 7.25 -14.50
C LYS A 121 31.41 6.14 -15.28
N THR A 122 30.42 6.47 -16.12
CA THR A 122 29.82 5.50 -17.00
C THR A 122 29.59 6.11 -18.35
N ASP A 123 29.71 5.29 -19.39
CA ASP A 123 29.53 5.74 -20.76
C ASP A 123 28.65 4.77 -21.55
N SER A 124 28.17 5.25 -22.68
CA SER A 124 27.59 4.42 -23.73
C SER A 124 28.29 4.80 -25.02
N THR A 125 28.93 3.84 -25.69
CA THR A 125 29.68 4.06 -26.90
C THR A 125 29.08 3.40 -28.11
N PHE A 126 29.31 4.00 -29.28
CA PHE A 126 28.93 3.48 -30.58
C PHE A 126 30.16 3.59 -31.47
N SER A 127 30.57 2.47 -32.05
CA SER A 127 31.76 2.39 -32.85
C SER A 127 31.48 1.57 -34.12
N GLY A 128 32.24 1.82 -35.16
CA GLY A 128 32.15 1.01 -36.35
C GLY A 128 33.35 1.21 -37.23
N PHE A 129 33.63 0.21 -38.05
CA PHE A 129 34.77 0.30 -38.93
C PHE A 129 34.68 -0.68 -40.10
N LEU A 130 35.27 -0.28 -41.23
CA LEU A 130 35.47 -1.11 -42.40
C LEU A 130 36.49 -2.18 -42.11
N VAL A 131 36.09 -3.43 -42.35
CA VAL A 131 36.97 -4.59 -42.20
C VAL A 131 37.64 -4.93 -43.55
N TYR A 132 36.86 -4.91 -44.63
CA TYR A 132 37.44 -4.97 -45.96
C TYR A 132 36.56 -4.23 -46.95
N SER A 133 37.19 -3.67 -47.96
CA SER A 133 36.50 -3.02 -49.05
C SER A 133 36.11 -4.01 -50.13
N ASP A 134 35.09 -3.66 -50.88
CA ASP A 134 34.74 -4.45 -52.07
C ASP A 134 34.23 -3.58 -53.19
N TRP A 135 35.14 -2.82 -53.77
CA TRP A 135 34.76 -1.96 -54.85
C TRP A 135 34.46 -2.76 -56.13
N HIS A 136 33.57 -2.22 -56.94
CA HIS A 136 33.33 -2.74 -58.29
C HIS A 136 33.20 -1.61 -59.29
N SER A 137 33.49 -1.87 -60.57
CA SER A 137 33.25 -0.85 -61.61
C SER A 137 31.83 -0.95 -62.15
N ALA B 1 -18.69 2.57 12.05
CA ALA B 1 -17.24 2.32 12.05
C ALA B 1 -16.58 3.28 11.10
N ARG B 2 -15.28 3.44 11.25
CA ARG B 2 -14.50 4.31 10.39
C ARG B 2 -13.09 3.78 10.18
N SER B 3 -12.62 4.00 8.97
CA SER B 3 -11.25 3.67 8.60
C SER B 3 -10.94 4.40 7.30
N ALA B 4 -9.91 5.22 7.31
CA ALA B 4 -9.50 5.96 6.14
C ALA B 4 -8.05 6.36 6.22
N PHE B 5 -7.42 6.50 5.05
CA PHE B 5 -6.08 7.06 5.02
C PHE B 5 -5.77 7.62 3.64
N SER B 6 -4.77 8.49 3.58
CA SER B 6 -4.23 8.92 2.32
C SER B 6 -2.79 9.32 2.56
N ALA B 7 -1.92 8.98 1.62
CA ALA B 7 -0.49 9.30 1.74
C ALA B 7 0.12 9.53 0.37
N LYS B 8 1.26 10.19 0.34
CA LYS B 8 1.95 10.53 -0.88
C LYS B 8 3.41 10.06 -0.87
N ARG B 9 3.94 9.88 -2.06
CA ARG B 9 5.33 9.44 -2.29
C ARG B 9 6.32 10.56 -2.02
N SER B 10 7.43 10.28 -1.37
CA SER B 10 8.56 11.21 -1.28
C SER B 10 9.41 11.25 -2.54
N GLU B 11 9.94 12.43 -2.84
N GLU B 11 9.97 12.43 -2.82
CA GLU B 11 10.96 12.57 -3.89
CA GLU B 11 10.98 12.56 -3.85
C GLU B 11 12.19 11.72 -3.57
C GLU B 11 12.17 11.67 -3.55
N SER B 12 12.77 11.13 -4.62
CA SER B 12 13.95 10.28 -4.48
C SER B 12 14.65 10.15 -5.82
N ARG B 13 15.96 10.13 -5.82
CA ARG B 13 16.72 9.83 -7.03
C ARG B 13 16.90 8.33 -7.27
N VAL B 14 16.48 7.51 -6.32
CA VAL B 14 16.68 6.07 -6.41
C VAL B 14 15.59 5.46 -7.31
N PRO B 15 15.97 4.69 -8.34
CA PRO B 15 14.96 3.96 -9.14
C PRO B 15 14.11 3.11 -8.21
N PRO B 16 12.77 3.13 -8.38
CA PRO B 16 11.97 2.44 -7.38
C PRO B 16 12.18 0.92 -7.45
N PRO B 17 12.44 0.28 -6.29
CA PRO B 17 12.50 -1.17 -6.31
C PRO B 17 11.14 -1.81 -6.64
N SER B 18 11.20 -3.00 -7.20
CA SER B 18 10.03 -3.77 -7.59
C SER B 18 9.91 -5.08 -6.86
N ASP B 19 10.56 -5.21 -5.72
CA ASP B 19 10.53 -6.42 -4.89
C ASP B 19 9.99 -6.15 -3.49
N ALA B 20 9.27 -5.06 -3.33
CA ALA B 20 8.69 -4.65 -2.05
C ALA B 20 7.54 -3.66 -2.33
N PRO B 21 6.69 -3.42 -1.34
CA PRO B 21 5.62 -2.41 -1.57
C PRO B 21 6.19 -1.07 -1.96
N LEU B 22 5.46 -0.35 -2.78
CA LEU B 22 5.82 1.02 -3.08
C LEU B 22 5.56 1.87 -1.86
N PRO B 23 6.48 2.80 -1.56
CA PRO B 23 6.36 3.60 -0.34
C PRO B 23 5.54 4.85 -0.55
N PHE B 24 4.66 5.14 0.38
CA PHE B 24 3.98 6.42 0.40
C PHE B 24 4.13 6.94 1.84
N ASP B 25 5.19 7.68 2.08
CA ASP B 25 5.56 7.96 3.46
C ASP B 25 5.22 9.34 3.96
N ARG B 26 4.57 10.14 3.11
CA ARG B 26 4.12 11.51 3.51
C ARG B 26 2.63 11.43 3.77
N VAL B 27 2.24 11.32 5.03
CA VAL B 27 0.87 11.04 5.38
C VAL B 27 -0.01 12.29 5.32
N LEU B 28 -1.15 12.22 4.61
CA LEU B 28 -2.10 13.30 4.60
C LEU B 28 -3.11 13.15 5.72
N VAL B 29 -3.64 11.92 5.89
CA VAL B 29 -4.60 11.64 6.95
C VAL B 29 -4.64 10.14 7.29
N ASN B 30 -4.60 9.79 8.54
CA ASN B 30 -4.56 8.45 9.00
C ASN B 30 -4.95 8.47 10.49
N GLU B 31 -6.21 8.79 10.76
CA GLU B 31 -6.68 8.98 12.12
C GLU B 31 -6.62 7.66 12.94
N GLN B 32 -6.86 6.54 12.28
CA GLN B 32 -7.00 5.26 12.96
C GLN B 32 -5.68 4.54 13.07
N GLY B 33 -4.67 5.03 12.38
CA GLY B 33 -3.40 4.34 12.29
C GLY B 33 -3.46 3.04 11.52
N HIS B 34 -4.49 2.85 10.69
CA HIS B 34 -4.61 1.58 9.95
C HIS B 34 -3.60 1.47 8.78
N TYR B 35 -3.12 2.62 8.29
CA TYR B 35 -2.05 2.67 7.32
C TYR B 35 -0.72 2.79 8.05
N ASP B 36 0.29 2.12 7.55
CA ASP B 36 1.63 2.17 8.13
C ASP B 36 2.55 2.83 7.12
N ALA B 37 2.98 4.05 7.42
CA ALA B 37 3.81 4.78 6.50
C ALA B 37 5.22 4.24 6.37
N VAL B 38 5.63 3.38 7.30
CA VAL B 38 6.92 2.70 7.21
C VAL B 38 6.89 1.54 6.23
N THR B 39 5.83 0.76 6.28
CA THR B 39 5.75 -0.43 5.44
C THR B 39 5.00 -0.21 4.11
N GLY B 40 4.27 0.87 3.99
CA GLY B 40 3.43 1.08 2.82
C GLY B 40 2.13 0.30 2.79
N LYS B 41 1.81 -0.38 3.88
CA LYS B 41 0.67 -1.28 3.91
C LYS B 41 -0.46 -0.75 4.76
N PHE B 42 -1.67 -0.92 4.24
CA PHE B 42 -2.87 -0.77 5.01
C PHE B 42 -3.23 -2.11 5.65
N THR B 43 -3.51 -2.14 6.95
CA THR B 43 -3.96 -3.35 7.62
C THR B 43 -5.36 -3.14 8.17
N CYS B 44 -6.25 -4.02 7.72
CA CYS B 44 -7.65 -3.96 8.11
C CYS B 44 -7.85 -4.27 9.58
N GLN B 45 -8.69 -3.48 10.24
CA GLN B 45 -9.15 -3.81 11.59
C GLN B 45 -10.66 -3.96 11.66
N VAL B 46 -11.37 -3.46 10.67
CA VAL B 46 -12.82 -3.50 10.63
C VAL B 46 -13.26 -4.27 9.38
N PRO B 47 -13.96 -5.41 9.58
CA PRO B 47 -14.39 -6.12 8.37
C PRO B 47 -15.39 -5.28 7.58
N GLY B 48 -15.31 -5.37 6.28
CA GLY B 48 -16.22 -4.61 5.43
C GLY B 48 -15.70 -4.40 4.04
N VAL B 49 -16.36 -3.47 3.32
CA VAL B 49 -16.01 -3.22 1.93
C VAL B 49 -15.36 -1.83 1.85
N TYR B 50 -14.26 -1.78 1.10
CA TYR B 50 -13.35 -0.65 1.03
C TYR B 50 -13.18 -0.22 -0.43
N TYR B 51 -12.93 1.07 -0.64
CA TYR B 51 -12.44 1.58 -1.89
C TYR B 51 -10.98 2.01 -1.73
N PHE B 52 -10.15 1.66 -2.71
CA PHE B 52 -8.76 2.09 -2.77
C PHE B 52 -8.50 2.76 -4.10
N ALA B 53 -7.69 3.81 -4.07
CA ALA B 53 -7.33 4.54 -5.27
C ALA B 53 -5.88 4.97 -5.24
N VAL B 54 -5.21 4.83 -6.37
CA VAL B 54 -3.84 5.28 -6.57
C VAL B 54 -3.87 6.29 -7.71
N HIS B 55 -3.27 7.47 -7.50
CA HIS B 55 -3.18 8.49 -8.54
C HIS B 55 -1.69 8.81 -8.68
N ALA B 56 -1.05 8.29 -9.71
CA ALA B 56 0.38 8.31 -9.82
C ALA B 56 0.87 9.19 -10.95
N THR B 57 2.02 9.79 -10.73
CA THR B 57 2.81 10.43 -11.76
C THR B 57 3.81 9.43 -12.32
N VAL B 58 4.02 9.41 -13.62
CA VAL B 58 4.82 8.44 -14.35
C VAL B 58 5.96 9.13 -15.06
N TYR B 59 7.21 8.75 -14.79
CA TYR B 59 8.34 9.41 -15.39
C TYR B 59 9.58 8.50 -15.42
N ARG B 60 10.31 8.60 -16.51
CA ARG B 60 11.57 7.91 -16.77
C ARG B 60 11.51 6.43 -17.18
N ALA B 61 10.36 5.82 -16.97
CA ALA B 61 10.09 4.43 -17.32
C ALA B 61 8.58 4.32 -17.34
N SER B 62 8.04 3.30 -18.04
CA SER B 62 6.64 2.99 -17.89
C SER B 62 6.36 2.59 -16.45
N LEU B 63 5.13 2.67 -16.03
CA LEU B 63 4.71 2.25 -14.72
C LEU B 63 3.66 1.18 -14.82
N GLN B 64 3.89 0.04 -14.12
CA GLN B 64 2.90 -1.02 -13.93
C GLN B 64 2.75 -1.20 -12.46
N PHE B 65 1.57 -1.10 -11.91
CA PHE B 65 1.36 -1.46 -10.52
C PHE B 65 0.15 -2.31 -10.32
N ASP B 66 0.22 -3.15 -9.28
CA ASP B 66 -0.87 -3.94 -8.78
C ASP B 66 -1.34 -3.36 -7.45
N LEU B 67 -2.65 -3.25 -7.29
N LEU B 67 -2.65 -3.19 -7.29
CA LEU B 67 -3.25 -3.09 -6.02
CA LEU B 67 -3.28 -3.09 -5.98
C LEU B 67 -3.44 -4.50 -5.47
C LEU B 67 -3.39 -4.53 -5.50
N VAL B 68 -2.79 -4.80 -4.35
CA VAL B 68 -2.78 -6.16 -3.84
C VAL B 68 -3.43 -6.33 -2.48
N LYS B 69 -4.04 -7.48 -2.30
CA LYS B 69 -4.61 -7.91 -1.04
C LYS B 69 -3.82 -9.14 -0.61
N ASN B 70 -3.05 -9.00 0.46
CA ASN B 70 -2.20 -10.11 0.96
C ASN B 70 -1.27 -10.69 -0.09
N GLY B 71 -0.93 -9.92 -1.11
CA GLY B 71 -0.01 -10.40 -2.12
C GLY B 71 -0.68 -10.73 -3.44
N GLU B 72 -2.01 -10.86 -3.42
CA GLU B 72 -2.78 -11.23 -4.60
C GLU B 72 -3.22 -9.95 -5.29
N SER B 73 -3.04 -9.83 -6.60
CA SER B 73 -3.59 -8.68 -7.35
C SER B 73 -5.09 -8.64 -7.31
N ILE B 74 -5.60 -7.51 -6.82
CA ILE B 74 -7.02 -7.14 -6.92
C ILE B 74 -7.23 -6.62 -8.35
N ALA B 75 -6.35 -5.72 -8.75
CA ALA B 75 -6.40 -5.08 -10.06
C ALA B 75 -5.04 -4.53 -10.42
N SER B 76 -4.75 -4.51 -11.71
CA SER B 76 -3.43 -4.13 -12.25
C SER B 76 -3.59 -3.02 -13.25
N PHE B 77 -2.63 -2.10 -13.27
CA PHE B 77 -2.68 -0.93 -14.11
C PHE B 77 -1.36 -0.64 -14.78
N PHE B 78 -1.39 0.05 -15.91
CA PHE B 78 -0.20 0.32 -16.70
C PHE B 78 -0.31 1.62 -17.47
N GLN B 79 0.78 2.37 -17.55
CA GLN B 79 0.91 3.48 -18.44
C GLN B 79 2.25 3.48 -19.14
N PHE B 80 2.24 3.50 -20.47
CA PHE B 80 3.39 3.63 -21.34
C PHE B 80 4.07 4.96 -21.12
N PHE B 81 5.39 4.97 -21.02
CA PHE B 81 6.17 6.18 -20.99
C PHE B 81 7.08 6.26 -22.21
N GLY B 82 6.59 6.95 -23.24
CA GLY B 82 7.22 6.89 -24.52
C GLY B 82 8.34 7.90 -24.75
N GLY B 83 9.32 7.98 -23.85
CA GLY B 83 10.50 8.78 -24.13
C GLY B 83 10.23 10.29 -24.12
N TRP B 84 9.28 10.71 -23.28
CA TRP B 84 8.89 12.12 -23.19
C TRP B 84 9.73 12.91 -22.18
N PRO B 85 9.78 14.23 -22.31
CA PRO B 85 10.66 15.03 -21.48
C PRO B 85 10.09 15.34 -20.11
N LYS B 86 8.80 15.10 -19.91
CA LYS B 86 8.09 15.43 -18.69
C LYS B 86 7.15 14.28 -18.36
N PRO B 87 6.56 14.28 -17.14
CA PRO B 87 5.78 13.10 -16.72
C PRO B 87 4.43 12.90 -17.39
N ALA B 88 4.03 11.65 -17.42
CA ALA B 88 2.66 11.23 -17.70
C ALA B 88 1.98 10.87 -16.37
N SER B 89 0.86 10.17 -16.44
CA SER B 89 0.03 9.90 -15.30
C SER B 89 -0.68 8.55 -15.41
N LEU B 90 -1.07 8.02 -14.28
CA LEU B 90 -1.74 6.74 -14.21
C LEU B 90 -2.55 6.63 -12.96
N SER B 91 -3.87 6.40 -13.06
CA SER B 91 -4.67 6.12 -11.91
C SER B 91 -5.24 4.71 -11.93
N GLY B 92 -5.50 4.18 -10.75
CA GLY B 92 -6.16 2.89 -10.63
C GLY B 92 -6.96 2.84 -9.39
N GLY B 93 -7.97 2.02 -9.35
CA GLY B 93 -8.81 1.89 -8.20
C GLY B 93 -9.71 0.68 -8.30
N ALA B 94 -10.20 0.25 -7.15
CA ALA B 94 -11.09 -0.90 -7.07
C ALA B 94 -11.70 -0.96 -5.69
N MET B 95 -12.75 -1.76 -5.52
CA MET B 95 -13.25 -2.08 -4.24
C MET B 95 -12.93 -3.54 -3.89
N VAL B 96 -12.88 -3.85 -2.59
CA VAL B 96 -12.55 -5.16 -2.11
C VAL B 96 -13.18 -5.35 -0.73
N ARG B 97 -13.57 -6.60 -0.43
CA ARG B 97 -13.93 -6.97 0.93
C ARG B 97 -12.67 -7.35 1.70
N LEU B 98 -12.54 -6.86 2.93
CA LEU B 98 -11.42 -7.18 3.82
C LEU B 98 -11.93 -7.68 5.15
N GLU B 99 -11.13 -8.53 5.78
CA GLU B 99 -11.35 -8.96 7.16
C GLU B 99 -10.14 -8.53 7.98
N PRO B 100 -10.29 -8.45 9.30
CA PRO B 100 -9.18 -8.01 10.13
C PRO B 100 -7.89 -8.78 9.86
N GLU B 101 -6.79 -8.02 9.82
CA GLU B 101 -5.45 -8.50 9.53
C GLU B 101 -5.16 -8.64 8.05
N ASP B 102 -6.18 -8.56 7.19
CA ASP B 102 -5.89 -8.47 5.76
C ASP B 102 -5.11 -7.19 5.49
N GLN B 103 -4.19 -7.25 4.55
CA GLN B 103 -3.40 -6.10 4.17
C GLN B 103 -3.54 -5.76 2.71
N VAL B 104 -3.51 -4.46 2.41
CA VAL B 104 -3.60 -3.96 1.06
C VAL B 104 -2.43 -2.99 0.83
N TRP B 105 -1.77 -3.09 -0.31
CA TRP B 105 -0.70 -2.20 -0.67
C TRP B 105 -0.55 -2.12 -2.18
N VAL B 106 0.36 -1.30 -2.64
CA VAL B 106 0.64 -1.11 -4.05
C VAL B 106 2.03 -1.66 -4.35
N GLN B 107 2.22 -2.39 -5.43
N GLN B 107 2.20 -2.37 -5.44
CA GLN B 107 3.52 -2.91 -5.76
CA GLN B 107 3.51 -2.83 -5.79
C GLN B 107 3.70 -3.00 -7.27
C GLN B 107 3.68 -2.93 -7.29
N VAL B 108 4.91 -2.75 -7.75
CA VAL B 108 5.22 -2.95 -9.15
C VAL B 108 5.14 -4.45 -9.41
N GLY B 109 4.37 -4.85 -10.43
CA GLY B 109 4.17 -6.26 -10.77
C GLY B 109 5.02 -6.84 -11.89
N VAL B 110 5.57 -5.98 -12.74
CA VAL B 110 6.49 -6.32 -13.81
C VAL B 110 7.70 -5.45 -13.55
N GLY B 111 8.81 -6.13 -13.23
CA GLY B 111 9.80 -5.49 -12.40
C GLY B 111 10.68 -4.40 -12.98
N ASP B 112 10.55 -4.08 -14.26
CA ASP B 112 11.23 -2.92 -14.84
C ASP B 112 10.28 -1.74 -15.13
N TYR B 113 9.01 -1.91 -14.84
CA TYR B 113 8.03 -0.84 -15.06
C TYR B 113 7.83 -0.04 -13.80
N ILE B 114 8.93 0.63 -13.45
CA ILE B 114 9.14 1.21 -12.14
C ILE B 114 8.95 2.74 -12.09
N GLY B 115 8.38 3.34 -13.15
CA GLY B 115 8.32 4.78 -13.31
C GLY B 115 7.40 5.60 -12.46
N ILE B 116 7.11 5.19 -11.22
CA ILE B 116 6.37 6.05 -10.31
C ILE B 116 7.25 7.22 -9.86
N TYR B 117 6.66 8.39 -9.67
CA TYR B 117 7.44 9.61 -9.53
C TYR B 117 6.77 10.61 -8.62
N ALA B 118 7.59 11.50 -8.04
CA ALA B 118 7.17 12.68 -7.31
C ALA B 118 8.22 13.73 -7.47
N SER B 119 7.80 14.99 -7.46
CA SER B 119 8.70 16.12 -7.60
C SER B 119 8.06 17.33 -6.98
N ILE B 120 8.64 18.51 -7.16
CA ILE B 120 8.12 19.68 -6.43
C ILE B 120 6.65 19.96 -6.76
N LYS B 121 6.24 19.72 -8.01
CA LYS B 121 4.84 19.98 -8.44
C LYS B 121 4.12 18.76 -8.98
N THR B 122 4.59 17.56 -8.64
CA THR B 122 3.91 16.31 -8.98
C THR B 122 3.93 15.36 -7.82
N ASP B 123 2.85 14.61 -7.67
CA ASP B 123 2.74 13.62 -6.59
C ASP B 123 2.25 12.29 -7.10
N SER B 124 2.41 11.27 -6.27
CA SER B 124 1.74 10.00 -6.42
C SER B 124 1.07 9.69 -5.09
N THR B 125 -0.24 9.49 -5.08
CA THR B 125 -0.99 9.28 -3.90
C THR B 125 -1.61 7.88 -3.82
N PHE B 126 -1.78 7.39 -2.61
CA PHE B 126 -2.43 6.13 -2.28
C PHE B 126 -3.43 6.41 -1.17
N SER B 127 -4.71 6.07 -1.39
CA SER B 127 -5.76 6.37 -0.47
C SER B 127 -6.69 5.17 -0.35
N GLY B 128 -7.40 5.07 0.75
CA GLY B 128 -8.37 4.02 0.91
C GLY B 128 -9.29 4.31 2.07
N PHE B 129 -10.50 3.77 2.01
CA PHE B 129 -11.43 3.95 3.08
C PHE B 129 -12.53 2.90 3.11
N LEU B 130 -13.01 2.66 4.31
CA LEU B 130 -14.15 1.82 4.56
C LEU B 130 -15.41 2.48 4.05
N VAL B 131 -16.18 1.77 3.22
CA VAL B 131 -17.46 2.27 2.71
C VAL B 131 -18.63 1.75 3.59
N TYR B 132 -18.61 0.46 3.95
CA TYR B 132 -19.49 -0.04 4.99
C TYR B 132 -18.84 -1.18 5.74
N SER B 133 -19.17 -1.27 7.04
CA SER B 133 -18.67 -2.34 7.87
C SER B 133 -19.59 -3.54 7.76
N ASP B 134 -19.05 -4.72 8.06
CA ASP B 134 -19.84 -5.94 8.07
C ASP B 134 -19.30 -6.91 9.09
N TRP B 135 -19.47 -6.55 10.34
CA TRP B 135 -19.12 -7.43 11.43
C TRP B 135 -20.04 -8.61 11.45
N HIS B 136 -19.52 -9.69 11.96
CA HIS B 136 -20.34 -10.86 12.09
C HIS B 136 -21.11 -10.88 13.37
N SER B 137 -22.41 -11.20 13.27
CA SER B 137 -23.27 -11.29 14.44
C SER B 137 -23.49 -12.72 14.91
N SER B 138 -23.20 -13.69 14.05
CA SER B 138 -23.14 -15.07 14.52
C SER B 138 -21.80 -15.69 14.14
N PRO B 139 -20.71 -15.16 14.73
CA PRO B 139 -19.43 -15.72 14.34
C PRO B 139 -19.24 -17.13 14.95
N VAL B 140 -19.95 -17.43 16.03
CA VAL B 140 -19.80 -18.70 16.71
C VAL B 140 -20.67 -19.77 16.05
N PHE B 141 -21.96 -19.49 15.94
CA PHE B 141 -22.85 -20.42 15.26
C PHE B 141 -22.47 -20.49 13.79
N ALA C 1 -33.97 -11.79 54.94
CA ALA C 1 -34.24 -10.85 53.82
C ALA C 1 -33.82 -11.48 52.52
N ARG C 2 -34.37 -10.94 51.43
CA ARG C 2 -34.20 -11.48 50.09
C ARG C 2 -33.95 -10.41 49.07
N SER C 3 -32.91 -10.55 48.25
CA SER C 3 -32.73 -9.64 47.13
C SER C 3 -31.77 -10.23 46.09
N ALA C 4 -32.26 -10.41 44.86
CA ALA C 4 -31.47 -11.04 43.80
C ALA C 4 -32.01 -10.70 42.44
N PHE C 5 -31.11 -10.64 41.47
CA PHE C 5 -31.51 -10.51 40.08
C PHE C 5 -30.40 -11.02 39.16
N SER C 6 -30.79 -11.33 37.93
CA SER C 6 -29.87 -11.62 36.87
C SER C 6 -30.52 -11.26 35.54
N ALA C 7 -29.74 -10.63 34.68
CA ALA C 7 -30.24 -10.18 33.39
C ALA C 7 -29.15 -10.27 32.35
N LYS C 8 -29.57 -10.37 31.09
CA LYS C 8 -28.66 -10.41 29.94
C LYS C 8 -28.99 -9.36 28.93
N ARG C 9 -28.04 -9.22 28.02
CA ARG C 9 -28.03 -8.24 26.96
C ARG C 9 -28.80 -8.71 25.75
N SER C 10 -29.68 -7.86 25.19
CA SER C 10 -30.28 -8.17 23.89
C SER C 10 -29.28 -7.99 22.76
N GLU C 11 -29.44 -8.75 21.69
CA GLU C 11 -28.63 -8.58 20.48
C GLU C 11 -28.76 -7.19 19.90
N SER C 12 -27.64 -6.68 19.39
CA SER C 12 -27.63 -5.36 18.80
C SER C 12 -26.52 -5.08 17.77
N ARG C 13 -26.96 -4.29 16.80
CA ARG C 13 -26.08 -3.75 15.79
C ARG C 13 -25.70 -2.36 16.20
N VAL C 14 -26.51 -1.76 17.07
CA VAL C 14 -26.23 -0.42 17.56
C VAL C 14 -25.00 -0.50 18.45
N PRO C 15 -23.98 0.32 18.16
CA PRO C 15 -22.88 0.46 19.11
C PRO C 15 -23.41 1.10 20.39
N PRO C 16 -23.17 0.45 21.56
CA PRO C 16 -23.64 0.80 22.90
C PRO C 16 -23.17 2.16 23.40
N PRO C 17 -24.04 2.92 24.06
CA PRO C 17 -23.69 4.26 24.53
C PRO C 17 -22.88 4.18 25.79
N SER C 18 -22.19 5.26 26.16
CA SER C 18 -21.20 5.19 27.25
C SER C 18 -21.38 6.29 28.30
N ASP C 19 -22.54 6.91 28.22
CA ASP C 19 -22.84 8.10 28.98
C ASP C 19 -24.02 7.74 29.92
N ALA C 20 -24.24 6.44 30.10
CA ALA C 20 -25.45 5.94 30.76
C ALA C 20 -25.22 4.49 31.20
N PRO C 21 -26.10 3.96 32.09
CA PRO C 21 -25.96 2.55 32.40
C PRO C 21 -26.09 1.67 31.18
N LEU C 22 -25.32 0.57 31.18
CA LEU C 22 -25.45 -0.46 30.17
C LEU C 22 -26.69 -1.29 30.42
N PRO C 23 -27.62 -1.28 29.46
CA PRO C 23 -28.88 -2.01 29.55
C PRO C 23 -28.72 -3.54 29.46
N PHE C 24 -29.13 -4.25 30.52
CA PHE C 24 -29.29 -5.69 30.42
C PHE C 24 -30.79 -5.91 30.43
N ASP C 25 -31.37 -5.96 29.23
CA ASP C 25 -32.81 -5.82 29.11
C ASP C 25 -33.59 -7.13 29.09
N ARG C 26 -32.89 -8.26 29.03
CA ARG C 26 -33.54 -9.55 29.16
C ARG C 26 -33.38 -10.09 30.56
N VAL C 27 -34.47 -10.06 31.32
CA VAL C 27 -34.43 -10.47 32.71
C VAL C 27 -34.43 -11.99 32.80
N LEU C 28 -33.52 -12.54 33.60
CA LEU C 28 -33.53 -13.97 33.92
C LEU C 28 -34.28 -14.25 35.20
N VAL C 29 -34.01 -13.45 36.22
CA VAL C 29 -34.75 -13.57 37.47
C VAL C 29 -34.71 -12.25 38.23
N ASN C 30 -35.87 -11.81 38.71
CA ASN C 30 -35.97 -10.50 39.36
C ASN C 30 -37.17 -10.44 40.28
N GLU C 31 -37.23 -11.32 41.27
CA GLU C 31 -38.47 -11.60 41.96
C GLU C 31 -38.93 -10.46 42.87
N GLN C 32 -37.99 -9.61 43.28
CA GLN C 32 -38.31 -8.49 44.16
C GLN C 32 -38.53 -7.20 43.36
N GLY C 33 -38.26 -7.26 42.07
CA GLY C 33 -38.32 -6.08 41.23
C GLY C 33 -37.25 -5.04 41.53
N HIS C 34 -36.17 -5.47 42.18
CA HIS C 34 -35.15 -4.52 42.59
C HIS C 34 -34.30 -4.07 41.42
N TYR C 35 -34.26 -4.90 40.38
CA TYR C 35 -33.58 -4.53 39.14
C TYR C 35 -34.61 -3.97 38.14
N ASP C 36 -34.22 -2.89 37.45
CA ASP C 36 -35.04 -2.26 36.43
C ASP C 36 -34.36 -2.50 35.08
N ALA C 37 -35.01 -3.28 34.22
CA ALA C 37 -34.46 -3.65 32.92
C ALA C 37 -34.45 -2.47 31.94
N VAL C 38 -35.28 -1.47 32.21
CA VAL C 38 -35.40 -0.29 31.36
C VAL C 38 -34.21 0.66 31.61
N THR C 39 -33.94 0.92 32.89
CA THR C 39 -32.88 1.86 33.27
C THR C 39 -31.54 1.18 33.39
N GLY C 40 -31.55 -0.13 33.59
CA GLY C 40 -30.32 -0.89 33.78
C GLY C 40 -29.81 -0.88 35.22
N LYS C 41 -30.57 -0.28 36.13
CA LYS C 41 -30.12 -0.12 37.52
C LYS C 41 -30.78 -1.07 38.51
N PHE C 42 -29.97 -1.58 39.43
CA PHE C 42 -30.42 -2.23 40.65
C PHE C 42 -30.63 -1.17 41.73
N THR C 43 -31.80 -1.15 42.35
CA THR C 43 -32.04 -0.25 43.48
C THR C 43 -32.25 -1.05 44.79
N CYS C 44 -31.37 -0.78 45.75
CA CYS C 44 -31.38 -1.47 47.06
C CYS C 44 -32.59 -1.11 47.91
N GLN C 45 -33.17 -2.12 48.56
CA GLN C 45 -34.25 -1.91 49.51
C GLN C 45 -33.94 -2.56 50.85
N VAL C 46 -32.87 -3.33 50.90
CA VAL C 46 -32.45 -4.02 52.12
C VAL C 46 -31.00 -3.69 52.44
N PRO C 47 -30.76 -3.05 53.59
CA PRO C 47 -29.37 -2.78 53.91
C PRO C 47 -28.58 -4.07 54.12
N GLY C 48 -27.35 -4.07 53.63
CA GLY C 48 -26.48 -5.19 53.84
C GLY C 48 -25.35 -5.23 52.83
N VAL C 49 -24.71 -6.39 52.78
CA VAL C 49 -23.59 -6.61 51.88
C VAL C 49 -24.00 -7.49 50.70
N TYR C 50 -23.59 -7.04 49.52
CA TYR C 50 -24.00 -7.59 48.25
C TYR C 50 -22.80 -8.05 47.41
N TYR C 51 -23.02 -9.07 46.57
CA TYR C 51 -22.04 -9.47 45.54
C TYR C 51 -22.64 -9.18 44.17
N PHE C 52 -21.85 -8.59 43.29
CA PHE C 52 -22.25 -8.32 41.92
C PHE C 52 -21.25 -8.94 40.97
N ALA C 53 -21.73 -9.48 39.85
CA ALA C 53 -20.86 -10.10 38.86
C ALA C 53 -21.37 -9.82 37.44
N VAL C 54 -20.43 -9.45 36.58
CA VAL C 54 -20.70 -9.31 35.15
C VAL C 54 -19.90 -10.38 34.41
N HIS C 55 -20.55 -11.07 33.48
CA HIS C 55 -19.84 -12.01 32.62
C HIS C 55 -20.17 -11.64 31.20
N ALA C 56 -19.20 -11.03 30.52
CA ALA C 56 -19.45 -10.42 29.23
C ALA C 56 -18.69 -11.08 28.08
N THR C 57 -19.37 -11.15 26.93
CA THR C 57 -18.72 -11.52 25.68
C THR C 57 -18.15 -10.25 25.06
N VAL C 58 -16.94 -10.36 24.52
CA VAL C 58 -16.22 -9.21 23.97
C VAL C 58 -15.99 -9.35 22.46
N TYR C 59 -16.45 -8.38 21.68
CA TYR C 59 -16.38 -8.44 20.20
C TYR C 59 -16.59 -7.07 19.53
N ARG C 60 -16.05 -6.91 18.33
CA ARG C 60 -16.09 -5.66 17.54
C ARG C 60 -15.35 -4.45 18.10
N ALA C 61 -14.83 -4.54 19.32
CA ALA C 61 -14.04 -3.50 19.98
C ALA C 61 -13.66 -4.07 21.33
N SER C 62 -12.65 -3.48 21.96
CA SER C 62 -12.29 -3.81 23.33
C SER C 62 -13.38 -3.33 24.26
N LEU C 63 -13.46 -3.94 25.44
CA LEU C 63 -14.49 -3.57 26.40
C LEU C 63 -13.88 -3.07 27.70
N GLN C 64 -14.34 -1.91 28.16
CA GLN C 64 -14.04 -1.43 29.51
C GLN C 64 -15.37 -1.16 30.18
N PHE C 65 -15.55 -1.63 31.41
CA PHE C 65 -16.75 -1.27 32.16
C PHE C 65 -16.45 -1.06 33.63
N ASP C 66 -17.23 -0.20 34.25
CA ASP C 66 -17.18 0.01 35.69
C ASP C 66 -18.44 -0.57 36.33
N LEU C 67 -18.24 -1.27 37.43
CA LEU C 67 -19.31 -1.51 38.39
C LEU C 67 -19.39 -0.25 39.25
N VAL C 68 -20.56 0.40 39.24
CA VAL C 68 -20.69 1.67 39.93
C VAL C 68 -21.76 1.64 40.98
N LYS C 69 -21.55 2.43 42.03
CA LYS C 69 -22.51 2.64 43.10
C LYS C 69 -22.78 4.13 43.20
N ASN C 70 -24.00 4.52 42.87
CA ASN C 70 -24.38 5.92 42.90
C ASN C 70 -23.42 6.81 42.11
N GLY C 71 -22.94 6.30 40.97
CA GLY C 71 -22.08 7.08 40.07
C GLY C 71 -20.61 7.10 40.47
N GLU C 72 -20.24 6.20 41.36
CA GLU C 72 -18.86 5.96 41.69
C GLU C 72 -18.44 4.55 41.31
N SER C 73 -17.28 4.43 40.68
CA SER C 73 -16.70 3.13 40.40
C SER C 73 -16.35 2.36 41.68
N ILE C 74 -16.98 1.19 41.85
CA ILE C 74 -16.58 0.22 42.84
C ILE C 74 -15.30 -0.44 42.35
N ALA C 75 -15.35 -0.93 41.12
CA ALA C 75 -14.23 -1.63 40.49
C ALA C 75 -14.36 -1.52 38.98
N SER C 76 -13.22 -1.50 38.30
CA SER C 76 -13.16 -1.28 36.85
C SER C 76 -12.48 -2.44 36.20
N PHE C 77 -12.94 -2.79 35.00
CA PHE C 77 -12.43 -3.95 34.30
C PHE C 77 -12.22 -3.66 32.82
N PHE C 78 -11.34 -4.44 32.20
CA PHE C 78 -10.99 -4.20 30.80
C PHE C 78 -10.49 -5.47 30.11
N GLN C 79 -10.92 -5.64 28.86
CA GLN C 79 -10.42 -6.71 28.01
C GLN C 79 -10.12 -6.17 26.62
N PHE C 80 -8.89 -6.41 26.19
CA PHE C 80 -8.40 -6.06 24.87
C PHE C 80 -9.05 -6.96 23.83
N PHE C 81 -9.55 -6.33 22.77
CA PHE C 81 -10.00 -7.08 21.61
C PHE C 81 -8.93 -6.91 20.52
N GLY C 82 -8.21 -7.99 20.21
CA GLY C 82 -7.09 -7.91 19.28
C GLY C 82 -7.44 -8.19 17.83
N GLY C 83 -8.63 -7.76 17.42
CA GLY C 83 -9.03 -7.90 16.02
C GLY C 83 -9.21 -9.33 15.58
N TRP C 84 -9.50 -10.21 16.54
CA TRP C 84 -9.72 -11.63 16.25
C TRP C 84 -11.02 -11.79 15.47
N PRO C 85 -11.26 -12.97 14.91
CA PRO C 85 -12.48 -13.09 14.08
C PRO C 85 -13.68 -13.51 14.89
N LYS C 86 -13.43 -13.91 16.12
CA LYS C 86 -14.49 -14.32 17.03
C LYS C 86 -14.24 -13.81 18.42
N PRO C 87 -15.28 -13.86 19.27
CA PRO C 87 -15.23 -13.08 20.50
C PRO C 87 -14.22 -13.52 21.56
N ALA C 88 -13.86 -12.57 22.41
CA ALA C 88 -13.12 -12.86 23.62
C ALA C 88 -14.12 -12.78 24.79
N SER C 89 -13.64 -12.65 26.01
CA SER C 89 -14.53 -12.64 27.18
C SER C 89 -13.95 -11.79 28.32
N LEU C 90 -14.83 -11.35 29.21
CA LEU C 90 -14.46 -10.49 30.32
C LEU C 90 -15.45 -10.61 31.44
N SER C 91 -14.95 -11.00 32.61
CA SER C 91 -15.74 -11.02 33.85
C SER C 91 -15.18 -10.06 34.90
N GLY C 92 -16.07 -9.50 35.71
CA GLY C 92 -15.70 -8.62 36.79
C GLY C 92 -16.66 -8.83 37.95
N GLY C 93 -16.22 -8.45 39.13
CA GLY C 93 -17.09 -8.60 40.31
C GLY C 93 -16.50 -7.96 41.55
N ALA C 94 -17.35 -7.75 42.53
CA ALA C 94 -16.94 -7.20 43.82
C ALA C 94 -18.08 -7.24 44.78
N MET C 95 -17.77 -7.02 46.05
CA MET C 95 -18.81 -6.86 47.05
C MET C 95 -18.84 -5.43 47.53
N VAL C 96 -20.01 -5.02 47.97
CA VAL C 96 -20.26 -3.66 48.39
C VAL C 96 -21.37 -3.65 49.45
N ARG C 97 -21.26 -2.70 50.38
CA ARG C 97 -22.31 -2.44 51.33
C ARG C 97 -23.28 -1.46 50.70
N LEU C 98 -24.56 -1.78 50.78
CA LEU C 98 -25.61 -0.91 50.29
C LEU C 98 -26.63 -0.59 51.39
N GLU C 99 -27.20 0.61 51.29
CA GLU C 99 -28.32 1.05 52.10
C GLU C 99 -29.50 1.28 51.17
N PRO C 100 -30.73 1.24 51.71
CA PRO C 100 -31.88 1.47 50.84
C PRO C 100 -31.78 2.73 50.02
N GLU C 101 -32.21 2.61 48.76
CA GLU C 101 -32.17 3.66 47.74
C GLU C 101 -30.82 3.82 47.04
N ASP C 102 -29.76 3.17 47.54
CA ASP C 102 -28.50 3.10 46.79
C ASP C 102 -28.73 2.35 45.49
N GLN C 103 -28.02 2.76 44.45
CA GLN C 103 -28.16 2.14 43.15
C GLN C 103 -26.83 1.60 42.68
N VAL C 104 -26.87 0.45 42.00
CA VAL C 104 -25.68 -0.13 41.42
C VAL C 104 -25.95 -0.44 39.95
N TRP C 105 -25.01 -0.14 39.08
CA TRP C 105 -25.18 -0.52 37.68
C TRP C 105 -23.87 -0.77 36.97
N VAL C 106 -23.95 -1.19 35.71
CA VAL C 106 -22.77 -1.33 34.87
C VAL C 106 -22.67 -0.20 33.86
N GLN C 107 -21.47 0.33 33.64
CA GLN C 107 -21.28 1.41 32.64
C GLN C 107 -19.90 1.42 31.98
N VAL C 108 -19.83 1.78 30.70
CA VAL C 108 -18.51 1.98 30.08
C VAL C 108 -17.87 3.26 30.56
N GLY C 109 -16.68 3.11 31.17
CA GLY C 109 -15.97 4.22 31.79
C GLY C 109 -14.96 4.89 30.89
N VAL C 110 -14.65 4.25 29.77
CA VAL C 110 -13.81 4.87 28.75
C VAL C 110 -14.58 4.80 27.44
N GLY C 111 -14.66 5.92 26.75
CA GLY C 111 -15.71 6.11 25.76
C GLY C 111 -15.68 5.31 24.48
N ASP C 112 -14.53 4.81 24.03
CA ASP C 112 -14.51 4.07 22.76
C ASP C 112 -14.52 2.53 22.93
N TYR C 113 -14.36 2.06 24.17
CA TYR C 113 -14.23 0.62 24.46
C TYR C 113 -15.58 -0.03 24.75
N ILE C 114 -16.42 -0.11 23.73
CA ILE C 114 -17.85 -0.43 23.89
C ILE C 114 -18.23 -1.83 23.39
N GLY C 115 -17.25 -2.72 23.35
CA GLY C 115 -17.38 -4.01 22.67
C GLY C 115 -18.11 -5.13 23.37
N ILE C 116 -19.11 -4.78 24.14
CA ILE C 116 -19.89 -5.79 24.85
C ILE C 116 -20.89 -6.37 23.86
N TYR C 117 -21.09 -7.69 23.93
CA TYR C 117 -21.72 -8.40 22.82
C TYR C 117 -22.65 -9.54 23.24
N ALA C 118 -23.60 -9.79 22.37
CA ALA C 118 -24.55 -10.86 22.51
C ALA C 118 -24.92 -11.30 21.10
N SER C 119 -25.08 -12.60 20.93
CA SER C 119 -25.46 -13.15 19.65
C SER C 119 -26.16 -14.46 19.94
N ILE C 120 -26.39 -15.23 18.90
CA ILE C 120 -27.19 -16.43 19.04
C ILE C 120 -26.53 -17.46 20.02
N LYS C 121 -25.21 -17.53 20.06
CA LYS C 121 -24.53 -18.45 21.02
C LYS C 121 -23.52 -17.78 21.95
N THR C 122 -23.69 -16.48 22.18
CA THR C 122 -22.92 -15.77 23.22
C THR C 122 -23.83 -14.81 23.96
N ASP C 123 -23.52 -14.58 25.23
CA ASP C 123 -24.30 -13.66 26.06
C ASP C 123 -23.37 -12.77 26.91
N SER C 124 -23.94 -11.67 27.42
CA SER C 124 -23.33 -10.87 28.47
C SER C 124 -24.35 -10.70 29.60
N THR C 125 -23.98 -11.12 30.80
CA THR C 125 -24.92 -11.13 31.94
C THR C 125 -24.45 -10.22 33.07
N PHE C 126 -25.42 -9.75 33.85
CA PHE C 126 -25.22 -8.88 35.00
C PHE C 126 -26.10 -9.47 36.10
N SER C 127 -25.46 -9.82 37.21
CA SER C 127 -26.14 -10.45 38.36
C SER C 127 -25.71 -9.79 39.67
N GLY C 128 -26.59 -9.88 40.66
CA GLY C 128 -26.30 -9.35 41.98
C GLY C 128 -27.20 -9.96 43.03
N PHE C 129 -26.69 -10.11 44.25
CA PHE C 129 -27.55 -10.57 45.32
C PHE C 129 -27.06 -10.17 46.69
N LEU C 130 -28.03 -10.04 47.60
CA LEU C 130 -27.79 -9.86 49.02
C LEU C 130 -27.16 -11.11 49.61
N VAL C 131 -26.03 -10.93 50.28
CA VAL C 131 -25.36 -12.04 50.98
C VAL C 131 -25.77 -12.08 52.46
N TYR C 132 -25.83 -10.90 53.08
CA TYR C 132 -26.45 -10.77 54.40
C TYR C 132 -27.01 -9.38 54.61
N SER C 133 -28.09 -9.31 55.39
CA SER C 133 -28.73 -8.06 55.75
C SER C 133 -28.09 -7.48 57.01
N ASP C 134 -28.20 -6.16 57.17
CA ASP C 134 -27.73 -5.50 58.37
C ASP C 134 -28.64 -4.35 58.70
N TRP C 135 -29.86 -4.69 59.08
CA TRP C 135 -30.83 -3.68 59.43
C TRP C 135 -30.46 -2.99 60.71
N HIS C 136 -30.78 -1.70 60.77
CA HIS C 136 -30.49 -0.91 61.95
C HIS C 136 -31.66 -0.20 62.52
N SER C 137 -31.73 -0.38 63.83
CA SER C 137 -32.73 0.17 64.70
C SER C 137 -32.45 1.69 64.84
N SER C 138 -33.18 2.53 64.09
CA SER C 138 -32.90 3.97 64.06
C SER C 138 -34.12 4.75 63.56
C1 EDO D . 28.24 -4.24 -22.01
O1 EDO D . 27.79 -5.13 -20.97
C2 EDO D . 27.96 -2.70 -22.13
O2 EDO D . 28.54 -1.67 -21.25
C1 EDO E . 27.70 3.99 -11.39
O1 EDO E . 27.17 4.22 -10.09
C2 EDO E . 29.18 4.20 -11.32
O2 EDO E . 29.40 5.59 -11.13
C1 EDO F . 27.26 5.14 -4.12
O1 EDO F . 28.03 5.41 -2.92
C2 EDO F . 26.03 4.27 -3.88
O2 EDO F . 25.38 4.74 -2.70
C1 EDO G . 10.70 14.88 -30.07
O1 EDO G . 9.58 14.10 -30.53
C2 EDO G . 11.82 14.03 -29.50
O2 EDO G . 12.60 13.33 -30.54
C1 EDO H . 30.16 5.70 -7.16
O1 EDO H . 30.48 6.07 -8.54
C2 EDO H . 28.65 5.62 -7.07
O2 EDO H . 28.21 4.61 -7.98
C1 EDO I . 19.52 12.44 -41.91
O1 EDO I . 19.45 12.46 -40.47
C2 EDO I . 20.83 13.08 -42.36
O2 EDO I . 21.73 12.08 -42.81
C1 EDO J . 40.32 1.88 -51.99
O1 EDO J . 41.16 0.89 -51.36
C2 EDO J . 41.17 3.10 -52.38
O2 EDO J . 41.73 2.99 -53.70
C1 EDO K . 43.24 4.58 -48.53
O1 EDO K . 42.27 5.47 -47.97
C2 EDO K . 44.26 4.30 -47.45
O2 EDO K . 44.38 2.90 -47.26
C1 EDO L . 24.43 6.39 -11.63
O1 EDO L . 24.81 7.78 -11.60
C2 EDO L . 24.78 5.61 -10.37
O2 EDO L . 23.58 5.34 -9.60
C1 EDO M . 35.38 12.91 -24.86
O1 EDO M . 36.48 12.12 -24.42
C2 EDO M . 35.23 12.77 -26.38
O2 EDO M . 36.48 13.05 -27.02
C1 EDO N . 38.94 -3.70 -53.87
O1 EDO N . 37.87 -3.39 -52.96
C2 EDO N . 39.67 -2.49 -54.45
O2 EDO N . 40.91 -2.25 -53.77
C1 EDO O . 14.44 7.50 -10.50
O1 EDO O . 15.03 6.97 -11.67
C2 EDO O . 14.44 9.03 -10.48
O2 EDO O . 13.20 9.36 -11.05
S SO4 P . 16.93 -8.94 -7.73
O1 SO4 P . 18.02 -9.94 -7.72
O2 SO4 P . 16.07 -9.11 -6.54
O3 SO4 P . 17.52 -7.57 -7.72
O4 SO4 P . 16.12 -9.11 -8.96
C ACT Q . 20.71 11.51 -14.19
O ACT Q . 21.29 10.81 -13.29
OXT ACT Q . 19.50 11.76 -14.13
CH3 ACT Q . 21.48 11.97 -15.39
C1 EDO R . 1.93 -4.43 -19.31
O1 EDO R . 1.84 -5.79 -19.62
C2 EDO R . 1.62 -3.70 -20.58
O2 EDO R . 2.34 -4.24 -21.68
C1 EDO S . -14.41 2.04 13.85
O1 EDO S . -14.86 3.28 14.42
C2 EDO S . -13.02 1.70 14.36
O2 EDO S . -12.01 2.42 13.64
C1 EDO T . -6.72 4.50 -15.59
O1 EDO T . -5.99 3.20 -15.58
C2 EDO T . -6.12 5.80 -15.02
O2 EDO T . -5.19 6.62 -15.72
C1 EDO U . 9.52 -0.37 -3.63
O1 EDO U . 9.70 0.81 -4.45
C2 EDO U . 9.91 -0.34 -2.13
O2 EDO U . 11.17 0.25 -1.77
C1 EDO V . 4.31 -5.87 8.21
O1 EDO V . 2.94 -5.46 8.20
C2 EDO V . 4.60 -6.61 6.93
O2 EDO V . 5.24 -5.73 6.03
S SO4 W . 4.85 10.62 -29.56
O1 SO4 W . 4.67 9.17 -29.27
O2 SO4 W . 3.53 11.25 -29.75
O3 SO4 W . 5.55 11.26 -28.42
O4 SO4 W . 5.66 10.77 -30.78
S SO4 X . -18.50 5.93 13.56
O1 SO4 X . -18.24 5.16 14.80
O2 SO4 X . -19.13 7.22 13.90
O3 SO4 X . -17.21 6.18 12.88
O4 SO4 X . -19.36 5.16 12.66
C ACT Y . 14.68 13.08 -10.28
O ACT Y . 15.83 12.60 -10.47
OXT ACT Y . 14.09 13.89 -11.10
CH3 ACT Y . 13.99 12.66 -9.01
C1 EDO Z . -36.97 -13.86 53.79
O1 EDO Z . -35.59 -14.15 54.08
C2 EDO Z . -37.39 -12.62 54.56
O2 EDO Z . -38.09 -11.70 53.69
#